data_6VGE
#
_entry.id   6VGE
#
_cell.length_a   103.917
_cell.length_b   103.917
_cell.length_c   322.912
_cell.angle_alpha   90.000
_cell.angle_beta   90.000
_cell.angle_gamma   120.000
#
_symmetry.space_group_name_H-M   'P 62 2 2'
#
loop_
_entity.id
_entity.type
_entity.pdbx_description
1 polymer 'Transcriptional regulator ERG'
2 polymer "DNA (5'-D(P*CP*AP*GP*AP*GP*GP*AP*TP*GP*TP*GP*GP*CP*TP*TP*C)-3')"
3 polymer "DNA (5'-D(P*GP*AP*AP*GP*CP*CP*AP*CP*AP*TP*CP*CP*TP*CP*TP*G)-3')"
4 polymer 'Runt-related transcription factor 2'
5 polymer 'Core-binding factor subunit beta'
#
loop_
_entity_poly.entity_id
_entity_poly.type
_entity_poly.pdbx_seq_one_letter_code
_entity_poly.pdbx_strand_id
1 'polypeptide(L)'
;GPHMPGSGQIQLWQFLLELLSDSSNSSCITWEGTNGEFKMTDPDEVARRWGERKSKPNMNYDKLSRALRYYYDKNIMTKV
HGKRYAYKFDFHGIAQALQPHPPESSLYKYPSDLPYMGSYHAHPQKMN
;
A
2 'polydeoxyribonucleotide' (DC)(DA)(DG)(DA)(DG)(DG)(DA)(DT)(DG)(DT)(DG)(DG)(DC)(DT)(DT)(DC) B
3 'polydeoxyribonucleotide' (DG)(DA)(DA)(DG)(DC)(DC)(DA)(DC)(DA)(DT)(DC)(DC)(DT)(DC)(DT)(DG) C
4 'polypeptide(L)'
;AELVRTDSPNFLCSVLPSHWRCNKTLPVAFKVVALGEVPDGTVVTVMAGNDENYSAELRNASAVMKNQVARFNDLRFVGR
SGRGKSFTLTITVFTNPPQVATYHRAIKVTVDGPREPRRHRQKLDDSKPSLFSDRLSDLGRIPHPSMRVGVPPQNPRPSL
NSAPSPFNPQGQSQITD
;
D
5 'polypeptide(L)'
;MGSSHHHHHHSQDPMPRVVPDQRSKFENEEFFRKLSRECEIKYTGFRDRPHEERQARFQNACRDGRSEIAFVATGTNLSL
QFFPASWQGEQRQTPSREYVDLEREAGKVYLKAPMILNGVCVIWKGWIDLQRLDGMGCLEFDEERAQQEDALAQQA
;
G
#
loop_
_chem_comp.id
_chem_comp.type
_chem_comp.name
_chem_comp.formula
DA DNA linking 2'-DEOXYADENOSINE-5'-MONOPHOSPHATE 'C10 H14 N5 O6 P'
DC DNA linking 2'-DEOXYCYTIDINE-5'-MONOPHOSPHATE 'C9 H14 N3 O7 P'
DG DNA linking 2'-DEOXYGUANOSINE-5'-MONOPHOSPHATE 'C10 H14 N5 O7 P'
DT DNA linking THYMIDINE-5'-MONOPHOSPHATE 'C10 H15 N2 O8 P'
#
# COMPACT_ATOMS: atom_id res chain seq x y z
N MET A 4 2.87 -20.19 18.67
CA MET A 4 3.18 -18.83 18.12
C MET A 4 4.24 -18.18 19.02
N PRO A 5 4.98 -17.15 18.56
CA PRO A 5 6.14 -16.65 19.31
C PRO A 5 5.78 -16.01 20.65
N GLY A 6 4.50 -16.09 21.07
CA GLY A 6 4.06 -15.92 22.47
C GLY A 6 4.57 -17.03 23.37
N SER A 7 4.66 -18.26 22.83
CA SER A 7 5.30 -19.44 23.49
C SER A 7 6.69 -19.09 24.02
N GLY A 8 7.66 -18.90 23.12
CA GLY A 8 9.11 -18.83 23.41
C GLY A 8 9.49 -17.55 24.15
N GLN A 9 9.23 -16.39 23.54
CA GLN A 9 9.59 -15.04 24.06
C GLN A 9 8.40 -14.43 24.82
N ILE A 10 8.66 -13.78 25.96
CA ILE A 10 7.66 -13.32 26.96
C ILE A 10 6.89 -12.12 26.39
N GLN A 11 5.56 -12.12 26.53
CA GLN A 11 4.66 -11.03 26.09
C GLN A 11 4.30 -10.17 27.32
N LEU A 12 3.36 -9.24 27.16
CA LEU A 12 2.62 -8.59 28.29
C LEU A 12 1.43 -9.47 28.66
N TRP A 13 0.39 -9.47 27.81
CA TRP A 13 -0.89 -10.19 28.02
C TRP A 13 -0.62 -11.63 28.46
N GLN A 14 0.41 -12.28 27.89
CA GLN A 14 0.84 -13.65 28.31
C GLN A 14 1.43 -13.57 29.72
N PHE A 15 2.19 -12.51 30.02
CA PHE A 15 2.88 -12.29 31.32
C PHE A 15 1.89 -11.78 32.36
N LEU A 16 1.16 -10.71 32.02
CA LEU A 16 0.16 -10.03 32.90
C LEU A 16 -0.73 -11.08 33.57
N LEU A 17 -1.16 -12.09 32.81
CA LEU A 17 -2.14 -13.11 33.26
C LEU A 17 -1.42 -14.27 33.94
N GLU A 18 -0.17 -14.07 34.37
CA GLU A 18 0.53 -14.94 35.35
C GLU A 18 0.13 -14.50 36.77
N LEU A 19 -0.53 -13.35 36.84
CA LEU A 19 -0.71 -12.52 38.06
C LEU A 19 -2.21 -12.41 38.39
N LEU A 20 -3.08 -12.45 37.37
CA LEU A 20 -4.56 -12.58 37.53
C LEU A 20 -4.89 -13.95 38.15
N SER A 21 -4.59 -15.04 37.41
CA SER A 21 -4.97 -16.45 37.74
C SER A 21 -4.31 -16.89 39.05
N ASP A 22 -3.08 -16.40 39.33
CA ASP A 22 -2.32 -16.67 40.58
C ASP A 22 -2.90 -15.83 41.72
N SER A 23 -3.39 -16.50 42.78
CA SER A 23 -4.05 -15.89 43.96
C SER A 23 -3.05 -15.06 44.79
N SER A 24 -1.74 -15.38 44.70
CA SER A 24 -0.65 -14.82 45.53
C SER A 24 -0.19 -13.45 45.03
N ASN A 25 -0.61 -13.04 43.83
CA ASN A 25 -0.20 -11.77 43.18
C ASN A 25 -1.36 -10.77 43.16
N SER A 26 -2.50 -11.12 43.78
CA SER A 26 -3.70 -10.25 43.94
C SER A 26 -3.32 -9.00 44.74
N SER A 27 -2.12 -8.99 45.33
CA SER A 27 -1.45 -7.82 45.97
C SER A 27 -1.30 -6.66 45.00
N CYS A 28 -1.39 -6.90 43.68
CA CYS A 28 -1.07 -5.91 42.61
C CYS A 28 -2.14 -5.84 41.51
N ILE A 29 -3.16 -6.70 41.53
CA ILE A 29 -4.19 -6.80 40.45
C ILE A 29 -5.34 -7.71 40.93
N THR A 30 -6.41 -7.83 40.14
CA THR A 30 -7.49 -8.85 40.30
C THR A 30 -8.39 -8.84 39.05
N TRP A 31 -8.90 -10.02 38.66
CA TRP A 31 -10.12 -10.17 37.82
C TRP A 31 -11.21 -9.27 38.43
N GLU A 32 -11.88 -8.46 37.61
CA GLU A 32 -13.06 -7.68 38.06
C GLU A 32 -14.30 -8.25 37.37
N GLY A 33 -14.90 -9.28 37.98
CA GLY A 33 -16.25 -9.76 37.67
C GLY A 33 -16.27 -10.91 36.69
N THR A 34 -17.48 -11.40 36.38
CA THR A 34 -17.80 -12.53 35.47
C THR A 34 -17.20 -12.26 34.08
N ASN A 35 -17.39 -11.04 33.56
CA ASN A 35 -16.93 -10.63 32.21
C ASN A 35 -15.42 -10.35 32.30
N GLY A 36 -14.71 -10.47 31.17
CA GLY A 36 -13.29 -10.08 31.04
C GLY A 36 -13.08 -8.65 31.50
N GLU A 37 -12.47 -8.46 32.67
CA GLU A 37 -12.05 -7.15 33.23
C GLU A 37 -10.96 -7.39 34.27
N PHE A 38 -10.13 -6.38 34.55
CA PHE A 38 -9.02 -6.48 35.53
C PHE A 38 -8.71 -5.12 36.13
N LYS A 39 -8.40 -5.14 37.43
CA LYS A 39 -8.05 -3.96 38.27
C LYS A 39 -6.54 -3.78 38.17
N MET A 40 -6.02 -2.65 38.67
CA MET A 40 -4.56 -2.35 38.71
C MET A 40 -4.23 -1.84 40.12
N THR A 41 -3.76 -2.72 41.02
CA THR A 41 -3.50 -2.35 42.44
C THR A 41 -2.43 -1.26 42.48
N ASP A 42 -1.15 -1.62 42.52
CA ASP A 42 -0.03 -0.64 42.51
C ASP A 42 0.33 -0.38 41.04
N PRO A 43 0.01 0.82 40.48
CA PRO A 43 0.24 1.06 39.06
C PRO A 43 1.73 0.98 38.68
N ASP A 44 2.63 1.20 39.64
CA ASP A 44 4.10 1.38 39.43
C ASP A 44 4.90 0.25 40.08
N GLU A 45 4.27 -0.69 40.78
CA GLU A 45 4.88 -1.99 41.19
C GLU A 45 4.64 -3.00 40.06
N VAL A 46 3.45 -2.91 39.44
CA VAL A 46 3.08 -3.61 38.17
C VAL A 46 4.25 -3.44 37.19
N ALA A 47 4.43 -2.22 36.68
CA ALA A 47 5.49 -1.84 35.71
C ALA A 47 6.86 -2.37 36.19
N ARG A 48 7.13 -2.26 37.49
CA ARG A 48 8.44 -2.59 38.11
C ARG A 48 8.86 -4.02 37.76
N ARG A 49 7.98 -5.00 38.02
CA ARG A 49 8.23 -6.45 37.76
C ARG A 49 8.37 -6.70 36.26
N TRP A 50 7.56 -6.01 35.45
CA TRP A 50 7.63 -6.05 33.96
C TRP A 50 9.00 -5.55 33.53
N GLY A 51 9.58 -4.62 34.29
CA GLY A 51 11.00 -4.23 34.18
C GLY A 51 11.92 -5.35 34.64
N GLU A 52 11.60 -5.96 35.79
CA GLU A 52 12.35 -7.11 36.37
C GLU A 52 12.51 -8.20 35.31
N ARG A 53 11.43 -8.54 34.59
CA ARG A 53 11.42 -9.57 33.52
C ARG A 53 12.17 -9.06 32.30
N LYS A 54 11.72 -7.92 31.74
CA LYS A 54 12.25 -7.35 30.46
C LYS A 54 13.72 -6.95 30.62
N SER A 55 14.25 -6.93 31.85
CA SER A 55 15.63 -6.50 32.21
C SER A 55 15.74 -4.98 32.01
N LYS A 56 14.61 -4.27 32.11
CA LYS A 56 14.45 -2.83 31.78
C LYS A 56 14.19 -2.07 33.08
N PRO A 57 15.24 -1.63 33.82
CA PRO A 57 15.05 -1.00 35.13
C PRO A 57 14.40 0.39 35.07
N ASN A 58 14.51 1.05 33.91
CA ASN A 58 13.95 2.41 33.64
C ASN A 58 12.42 2.36 33.69
N MET A 59 11.82 1.18 33.45
CA MET A 59 10.38 0.96 33.22
C MET A 59 9.53 1.74 34.25
N ASN A 60 8.35 2.21 33.81
CA ASN A 60 7.29 2.80 34.66
C ASN A 60 5.92 2.45 34.05
N TYR A 61 4.82 3.00 34.57
CA TYR A 61 3.46 2.78 34.05
C TYR A 61 3.35 3.38 32.64
N ASP A 62 3.62 4.69 32.51
CA ASP A 62 3.58 5.45 31.23
C ASP A 62 4.12 4.58 30.09
N LYS A 63 5.16 3.79 30.38
CA LYS A 63 5.90 2.97 29.38
C LYS A 63 5.12 1.71 29.03
N LEU A 64 5.01 0.79 29.99
CA LEU A 64 4.15 -0.42 29.91
C LEU A 64 2.80 -0.03 29.28
N SER A 65 2.15 1.01 29.82
CA SER A 65 0.80 1.48 29.43
C SER A 65 0.71 1.63 27.90
N ARG A 66 1.56 2.48 27.32
CA ARG A 66 1.60 2.75 25.86
C ARG A 66 1.47 1.40 25.12
N ALA A 67 2.39 0.47 25.40
CA ALA A 67 2.41 -0.89 24.81
C ALA A 67 0.99 -1.49 24.81
N LEU A 68 0.25 -1.31 25.90
CA LEU A 68 -1.13 -1.84 26.07
C LEU A 68 -2.07 -1.09 25.12
N ARG A 69 -1.88 0.22 24.97
CA ARG A 69 -2.78 1.10 24.19
C ARG A 69 -2.62 0.81 22.70
N TYR A 70 -1.51 0.19 22.28
CA TYR A 70 -1.35 -0.40 20.93
C TYR A 70 -2.46 -1.43 20.70
N TYR A 71 -2.66 -2.31 21.70
CA TYR A 71 -3.50 -3.53 21.63
C TYR A 71 -4.88 -3.20 21.03
N TYR A 72 -5.33 -1.95 21.20
CA TYR A 72 -6.67 -1.44 20.83
C TYR A 72 -6.93 -1.72 19.35
N ASP A 73 -6.06 -1.18 18.49
CA ASP A 73 -6.18 -1.20 17.01
C ASP A 73 -6.09 -2.64 16.51
N LYS A 74 -5.50 -3.55 17.30
CA LYS A 74 -5.23 -4.96 16.95
C LYS A 74 -6.35 -5.87 17.48
N ASN A 75 -7.15 -5.38 18.43
CA ASN A 75 -8.30 -6.12 19.02
C ASN A 75 -7.77 -7.31 19.82
N ILE A 76 -6.86 -7.05 20.76
CA ILE A 76 -6.39 -8.00 21.80
C ILE A 76 -7.21 -7.76 23.07
N MET A 77 -7.24 -6.51 23.52
CA MET A 77 -8.00 -6.04 24.71
C MET A 77 -8.60 -4.66 24.42
N THR A 78 -9.28 -4.06 25.40
CA THR A 78 -9.97 -2.75 25.27
C THR A 78 -10.05 -2.08 26.64
N LYS A 79 -10.39 -0.80 26.68
CA LYS A 79 -10.45 0.03 27.91
C LYS A 79 -11.87 0.01 28.48
N VAL A 80 -11.97 -0.04 29.80
CA VAL A 80 -13.21 0.31 30.56
C VAL A 80 -13.13 1.81 30.86
N HIS A 81 -13.87 2.62 30.11
CA HIS A 81 -13.71 4.09 29.99
C HIS A 81 -13.91 4.76 31.35
N GLY A 82 -12.95 5.60 31.76
CA GLY A 82 -13.05 6.47 32.95
C GLY A 82 -12.53 5.79 34.22
N LYS A 83 -12.54 4.45 34.26
CA LYS A 83 -12.08 3.65 35.42
C LYS A 83 -10.57 3.79 35.58
N ARG A 84 -10.09 4.13 36.78
CA ARG A 84 -8.66 4.37 37.07
C ARG A 84 -7.87 3.06 36.93
N TYR A 85 -7.38 2.79 35.72
CA TYR A 85 -6.43 1.68 35.41
C TYR A 85 -7.17 0.32 35.33
N ALA A 86 -8.21 0.23 34.50
CA ALA A 86 -8.97 -1.03 34.28
C ALA A 86 -9.33 -1.17 32.80
N TYR A 87 -8.73 -2.16 32.15
CA TYR A 87 -8.98 -2.59 30.74
C TYR A 87 -9.60 -3.99 30.78
N LYS A 88 -9.73 -4.67 29.63
CA LYS A 88 -10.28 -6.05 29.55
C LYS A 88 -9.82 -6.74 28.25
N PHE A 89 -9.72 -8.07 28.27
CA PHE A 89 -9.19 -8.93 27.17
C PHE A 89 -10.30 -9.31 26.20
N ASP A 90 -10.02 -9.20 24.89
CA ASP A 90 -10.87 -9.67 23.78
C ASP A 90 -10.32 -11.03 23.32
N PHE A 91 -10.92 -12.12 23.79
CA PHE A 91 -10.48 -13.52 23.54
C PHE A 91 -11.08 -14.04 22.22
N HIS A 92 -12.34 -13.65 21.94
CA HIS A 92 -13.05 -13.92 20.66
C HIS A 92 -12.19 -13.43 19.48
N GLY A 93 -11.15 -12.62 19.77
CA GLY A 93 -10.16 -12.11 18.79
C GLY A 93 -8.76 -12.69 18.97
N ILE A 94 -8.36 -13.05 20.19
CA ILE A 94 -7.04 -13.68 20.52
C ILE A 94 -6.87 -14.98 19.72
N ALA A 95 -7.97 -15.63 19.37
CA ALA A 95 -8.01 -16.95 18.68
C ALA A 95 -8.02 -16.77 17.15
N GLN A 96 -8.45 -15.61 16.66
CA GLN A 96 -8.25 -15.18 15.25
C GLN A 96 -6.83 -14.63 15.09
N ALA A 97 -6.28 -14.10 16.19
CA ALA A 97 -4.89 -13.59 16.30
C ALA A 97 -3.92 -14.73 16.61
N LEU A 98 -4.43 -15.92 16.95
CA LEU A 98 -3.61 -17.13 17.23
C LEU A 98 -4.06 -18.29 16.32
N GLN A 99 -5.08 -18.10 15.48
CA GLN A 99 -5.55 -19.11 14.49
C GLN A 99 -6.35 -18.41 13.38
N PRO A 100 -6.36 -18.96 12.15
CA PRO A 100 -7.06 -18.36 11.01
C PRO A 100 -8.58 -18.60 11.03
N HIS A 101 -9.23 -18.48 9.87
CA HIS A 101 -10.66 -18.82 9.64
C HIS A 101 -10.84 -19.41 8.23
N ALA D 1 15.83 20.99 -4.53
CA ALA D 1 15.93 19.50 -4.33
C ALA D 1 16.67 18.87 -5.51
N GLU D 2 16.93 17.55 -5.44
CA GLU D 2 17.66 16.77 -6.47
C GLU D 2 16.67 15.87 -7.23
N LEU D 3 16.89 15.67 -8.54
CA LEU D 3 16.03 14.86 -9.43
C LEU D 3 16.76 13.59 -9.89
N VAL D 4 16.01 12.68 -10.52
CA VAL D 4 16.51 11.41 -11.14
C VAL D 4 15.69 11.14 -12.41
N ARG D 5 16.24 10.33 -13.32
CA ARG D 5 15.60 9.88 -14.59
C ARG D 5 14.28 9.16 -14.29
N THR D 6 13.54 8.85 -15.37
CA THR D 6 12.29 8.03 -15.36
C THR D 6 12.33 7.10 -16.57
N ASP D 7 11.27 6.31 -16.78
CA ASP D 7 11.10 5.45 -17.99
C ASP D 7 10.35 6.26 -19.06
N SER D 8 9.71 7.37 -18.67
CA SER D 8 9.21 8.45 -19.56
C SER D 8 10.11 9.68 -19.41
N PRO D 9 10.91 10.07 -20.43
CA PRO D 9 11.85 11.18 -20.29
C PRO D 9 11.16 12.56 -20.28
N ASN D 10 9.83 12.58 -20.32
CA ASN D 10 8.98 13.79 -20.29
C ASN D 10 8.72 14.21 -18.83
N PHE D 11 8.95 13.31 -17.87
CA PHE D 11 8.69 13.55 -16.43
C PHE D 11 9.86 13.01 -15.60
N LEU D 12 10.13 13.67 -14.47
CA LEU D 12 11.17 13.28 -13.47
C LEU D 12 10.61 13.43 -12.06
N CYS D 13 11.26 12.81 -11.08
CA CYS D 13 10.79 12.74 -9.67
C CYS D 13 11.99 12.73 -8.71
N SER D 14 11.72 12.77 -7.41
CA SER D 14 12.71 12.86 -6.31
C SER D 14 13.62 11.62 -6.29
N VAL D 15 14.79 11.75 -5.67
CA VAL D 15 15.72 10.62 -5.36
C VAL D 15 15.23 9.95 -4.08
N LEU D 16 14.26 9.04 -4.20
CA LEU D 16 13.71 8.26 -3.06
C LEU D 16 14.79 7.29 -2.59
N PRO D 17 15.26 7.36 -1.33
CA PRO D 17 16.50 6.69 -0.92
C PRO D 17 16.43 5.16 -1.03
N SER D 18 17.59 4.52 -0.99
CA SER D 18 17.78 3.06 -1.14
C SER D 18 16.73 2.29 -0.33
N HIS D 19 16.84 2.35 1.01
CA HIS D 19 16.10 1.51 1.97
C HIS D 19 15.61 2.37 3.14
N TRP D 20 14.33 2.23 3.50
CA TRP D 20 13.61 3.07 4.50
C TRP D 20 12.65 2.18 5.30
N ARG D 21 12.11 2.72 6.40
CA ARG D 21 11.17 2.04 7.34
C ARG D 21 9.75 2.06 6.79
N CYS D 22 8.96 1.02 7.09
CA CYS D 22 7.52 0.91 6.75
C CYS D 22 6.77 2.08 7.39
N ASN D 23 6.23 2.98 6.55
CA ASN D 23 5.42 4.16 6.97
C ASN D 23 6.29 5.09 7.82
N LYS D 24 7.08 5.94 7.16
CA LYS D 24 7.84 7.05 7.81
C LYS D 24 7.60 8.34 7.03
N THR D 25 7.59 9.46 7.75
CA THR D 25 7.82 10.82 7.20
C THR D 25 9.11 10.77 6.38
N LEU D 26 8.98 10.74 5.04
CA LEU D 26 10.11 10.61 4.08
C LEU D 26 11.19 11.63 4.42
N PRO D 27 12.50 11.30 4.20
CA PRO D 27 13.59 12.23 4.56
C PRO D 27 13.65 13.44 3.62
N VAL D 28 13.20 13.26 2.38
CA VAL D 28 12.93 14.34 1.39
C VAL D 28 11.57 14.04 0.73
N ALA D 29 10.59 14.92 0.91
CA ALA D 29 9.22 14.82 0.34
C ALA D 29 9.31 14.53 -1.15
N PHE D 30 8.21 14.12 -1.77
CA PHE D 30 8.17 13.65 -3.18
C PHE D 30 7.76 14.81 -4.11
N LYS D 31 8.71 15.26 -4.94
CA LYS D 31 8.50 16.18 -6.10
C LYS D 31 8.37 15.34 -7.38
N VAL D 32 7.43 15.71 -8.25
CA VAL D 32 7.23 15.09 -9.60
C VAL D 32 7.11 16.23 -10.62
N VAL D 33 8.02 16.25 -11.60
CA VAL D 33 8.25 17.41 -12.53
C VAL D 33 7.58 17.12 -13.88
N ALA D 34 6.87 18.13 -14.40
CA ALA D 34 6.25 18.13 -15.76
C ALA D 34 7.09 19.01 -16.69
N LEU D 35 7.84 18.38 -17.61
CA LEU D 35 8.64 19.08 -18.66
C LEU D 35 7.71 19.47 -19.81
N GLY D 36 6.90 18.51 -20.28
CA GLY D 36 5.73 18.77 -21.14
C GLY D 36 4.71 19.61 -20.40
N GLU D 37 4.27 20.73 -20.98
CA GLU D 37 3.38 21.73 -20.33
C GLU D 37 2.05 21.06 -19.94
N VAL D 38 1.83 20.90 -18.63
CA VAL D 38 0.65 20.23 -18.01
C VAL D 38 -0.24 21.30 -17.39
N PRO D 39 -1.59 21.22 -17.54
CA PRO D 39 -2.48 22.18 -16.89
C PRO D 39 -2.36 22.09 -15.37
N ASP D 40 -1.79 23.12 -14.74
CA ASP D 40 -1.48 23.20 -13.29
C ASP D 40 -2.78 23.06 -12.50
N GLY D 41 -3.07 21.84 -12.02
CA GLY D 41 -4.36 21.43 -11.45
C GLY D 41 -4.61 19.94 -11.64
N THR D 42 -4.05 19.34 -12.70
CA THR D 42 -4.10 17.89 -13.01
C THR D 42 -3.61 17.07 -11.80
N VAL D 43 -4.25 15.93 -11.54
CA VAL D 43 -3.98 15.04 -10.38
C VAL D 43 -2.88 14.04 -10.77
N VAL D 44 -2.09 13.59 -9.79
CA VAL D 44 -1.00 12.58 -9.94
C VAL D 44 -1.06 11.61 -8.76
N THR D 45 -1.37 10.34 -9.02
CA THR D 45 -1.33 9.23 -8.03
C THR D 45 -0.15 8.30 -8.35
N VAL D 46 0.29 7.52 -7.35
CA VAL D 46 1.37 6.50 -7.48
C VAL D 46 0.84 5.16 -6.95
N MET D 47 1.28 4.04 -7.54
CA MET D 47 0.92 2.66 -7.12
C MET D 47 2.20 1.81 -7.05
N ALA D 48 2.53 1.32 -5.85
CA ALA D 48 3.76 0.55 -5.55
C ALA D 48 3.67 -0.82 -6.22
N GLY D 49 4.49 -1.05 -7.25
CA GLY D 49 4.51 -2.28 -8.05
C GLY D 49 5.65 -3.19 -7.65
N ASN D 50 5.36 -4.46 -7.37
CA ASN D 50 6.36 -5.50 -6.99
C ASN D 50 5.72 -6.88 -7.15
N ASP D 51 6.44 -7.81 -7.79
CA ASP D 51 6.04 -9.23 -7.98
C ASP D 51 5.36 -9.75 -6.70
N GLU D 52 5.86 -9.36 -5.52
CA GLU D 52 5.29 -9.69 -4.18
C GLU D 52 4.41 -8.54 -3.70
N ASN D 53 3.23 -8.86 -3.14
CA ASN D 53 2.17 -7.91 -2.73
C ASN D 53 2.13 -6.75 -3.74
N TYR D 54 1.53 -7.05 -4.90
CA TYR D 54 1.60 -6.29 -6.18
C TYR D 54 1.12 -4.85 -6.01
N SER D 55 0.19 -4.59 -5.07
CA SER D 55 -0.30 -3.24 -4.70
C SER D 55 -0.20 -3.06 -3.18
N ALA D 56 0.92 -2.49 -2.73
CA ALA D 56 1.19 -2.15 -1.31
C ALA D 56 0.24 -1.03 -0.88
N GLU D 57 0.07 -0.85 0.43
CA GLU D 57 -0.70 0.27 1.03
C GLU D 57 0.19 1.51 1.05
N LEU D 58 -0.34 2.65 0.59
CA LEU D 58 0.35 3.97 0.58
C LEU D 58 -0.57 5.02 1.22
N ARG D 59 -0.02 6.18 1.60
CA ARG D 59 -0.75 7.29 2.26
C ARG D 59 -0.30 8.63 1.69
N ASN D 60 -1.26 9.55 1.47
CA ASN D 60 -1.07 10.80 0.68
C ASN D 60 -0.44 10.39 -0.66
N ALA D 61 -1.08 9.42 -1.34
CA ALA D 61 -0.61 8.81 -2.60
C ALA D 61 -1.04 9.67 -3.80
N SER D 62 -2.09 10.49 -3.63
CA SER D 62 -2.61 11.45 -4.65
C SER D 62 -2.05 12.85 -4.39
N ALA D 63 -1.68 13.58 -5.44
CA ALA D 63 -1.15 14.96 -5.38
C ALA D 63 -1.65 15.77 -6.58
N VAL D 64 -1.59 17.10 -6.47
CA VAL D 64 -2.07 18.08 -7.50
C VAL D 64 -0.85 18.68 -8.20
N MET D 65 -0.86 18.68 -9.55
CA MET D 65 0.12 19.41 -10.40
C MET D 65 -0.06 20.91 -10.17
N LYS D 66 1.02 21.63 -9.85
CA LYS D 66 1.00 23.10 -9.62
C LYS D 66 2.36 23.69 -10.03
N ASN D 67 2.35 24.67 -10.94
CA ASN D 67 3.53 25.32 -11.56
C ASN D 67 4.41 24.27 -12.26
N GLN D 68 3.77 23.28 -12.90
CA GLN D 68 4.43 22.19 -13.70
C GLN D 68 5.23 21.27 -12.77
N VAL D 69 4.94 21.30 -11.45
CA VAL D 69 5.68 20.53 -10.41
C VAL D 69 4.67 20.02 -9.37
N ALA D 70 4.22 18.77 -9.52
CA ALA D 70 3.34 18.07 -8.56
C ALA D 70 4.17 17.60 -7.37
N ARG D 71 3.81 18.04 -6.16
CA ARG D 71 4.49 17.66 -4.89
C ARG D 71 3.49 16.94 -3.98
N PHE D 72 3.97 15.94 -3.23
CA PHE D 72 3.16 15.08 -2.32
C PHE D 72 3.44 15.51 -0.88
N ASN D 73 2.47 16.20 -0.26
CA ASN D 73 2.56 16.76 1.11
C ASN D 73 3.50 15.88 1.94
N ASP D 74 3.16 14.60 2.08
CA ASP D 74 4.08 13.55 2.62
C ASP D 74 3.55 12.17 2.22
N LEU D 75 4.03 11.63 1.11
CA LEU D 75 3.83 10.21 0.71
C LEU D 75 4.44 9.32 1.80
N ARG D 76 3.83 8.16 2.07
CA ARG D 76 4.33 7.17 3.06
C ARG D 76 4.08 5.75 2.57
N PHE D 77 5.13 4.93 2.58
CA PHE D 77 5.14 3.51 2.11
C PHE D 77 4.83 2.60 3.30
N VAL D 78 3.68 1.92 3.24
CA VAL D 78 3.19 1.01 4.33
C VAL D 78 3.44 -0.45 3.89
N GLY D 79 2.73 -0.93 2.88
CA GLY D 79 2.90 -2.30 2.34
C GLY D 79 4.35 -2.57 1.99
N ARG D 80 4.98 -3.53 2.69
CA ARG D 80 6.43 -3.85 2.55
C ARG D 80 6.67 -4.56 1.21
N SER D 81 7.85 -4.35 0.62
CA SER D 81 8.29 -4.98 -0.66
C SER D 81 8.80 -6.39 -0.40
N GLY D 82 9.60 -6.55 0.66
CA GLY D 82 10.22 -7.82 1.08
C GLY D 82 11.72 -7.73 1.02
N ARG D 83 12.40 -8.84 1.35
CA ARG D 83 13.87 -8.96 1.45
C ARG D 83 14.51 -8.74 0.08
N GLY D 84 15.52 -7.87 0.00
CA GLY D 84 16.26 -7.52 -1.22
C GLY D 84 15.41 -6.78 -2.24
N LYS D 85 14.09 -6.92 -2.15
CA LYS D 85 13.11 -6.51 -3.18
C LYS D 85 12.70 -5.05 -2.94
N SER D 86 12.55 -4.30 -4.04
CA SER D 86 12.13 -2.88 -4.05
C SER D 86 10.81 -2.75 -4.83
N PHE D 87 10.31 -1.53 -5.02
CA PHE D 87 9.05 -1.24 -5.75
C PHE D 87 9.38 -0.60 -7.11
N THR D 88 8.82 -1.17 -8.18
CA THR D 88 8.68 -0.52 -9.51
C THR D 88 7.38 0.29 -9.47
N LEU D 89 7.35 1.36 -8.67
CA LEU D 89 6.13 2.17 -8.43
C LEU D 89 5.71 2.84 -9.74
N THR D 90 4.42 2.73 -10.06
CA THR D 90 3.75 3.37 -11.22
C THR D 90 3.40 4.81 -10.84
N ILE D 91 3.31 5.71 -11.82
CA ILE D 91 3.05 7.17 -11.62
C ILE D 91 2.05 7.65 -12.67
N THR D 92 0.80 7.87 -12.26
CA THR D 92 -0.34 8.26 -13.15
C THR D 92 -0.50 9.78 -13.15
N VAL D 93 -0.78 10.36 -14.32
CA VAL D 93 -1.13 11.80 -14.51
C VAL D 93 -2.53 11.87 -15.13
N PHE D 94 -3.54 12.25 -14.33
CA PHE D 94 -4.99 12.24 -14.71
C PHE D 94 -5.25 13.35 -15.74
N THR D 95 -5.23 12.98 -17.03
CA THR D 95 -5.52 13.86 -18.20
C THR D 95 -6.35 13.06 -19.22
N ASN D 96 -6.46 13.53 -20.47
CA ASN D 96 -7.22 12.87 -21.57
C ASN D 96 -6.35 12.76 -22.83
N PRO D 97 -5.62 11.65 -23.06
CA PRO D 97 -5.56 10.51 -22.14
C PRO D 97 -4.51 10.65 -21.05
N PRO D 98 -4.65 9.94 -19.91
CA PRO D 98 -3.59 9.89 -18.89
C PRO D 98 -2.31 9.21 -19.40
N GLN D 99 -1.18 9.53 -18.75
CA GLN D 99 0.17 9.00 -19.11
C GLN D 99 0.85 8.48 -17.84
N VAL D 100 1.73 7.49 -18.00
CA VAL D 100 2.47 6.85 -16.87
C VAL D 100 3.95 6.72 -17.24
N ALA D 101 4.83 6.95 -16.25
CA ALA D 101 6.27 6.63 -16.26
C ALA D 101 6.55 5.60 -15.17
N THR D 102 6.91 4.38 -15.56
CA THR D 102 7.35 3.30 -14.64
C THR D 102 8.68 3.73 -14.02
N TYR D 103 8.99 3.22 -12.83
CA TYR D 103 10.22 3.58 -12.08
C TYR D 103 10.69 2.38 -11.26
N HIS D 104 11.51 1.54 -11.89
CA HIS D 104 12.12 0.31 -11.32
C HIS D 104 13.03 0.68 -10.13
N ARG D 105 13.25 -0.27 -9.22
CA ARG D 105 14.23 -0.22 -8.09
C ARG D 105 14.09 1.11 -7.31
N ALA D 106 12.86 1.58 -7.10
CA ALA D 106 12.54 2.87 -6.46
C ALA D 106 13.09 2.91 -5.03
N ILE D 107 12.57 2.04 -4.15
CA ILE D 107 12.92 2.03 -2.70
C ILE D 107 12.59 0.66 -2.09
N LYS D 108 13.42 0.22 -1.14
CA LYS D 108 13.23 -1.02 -0.36
C LYS D 108 12.46 -0.68 0.92
N VAL D 109 11.26 -1.26 1.08
CA VAL D 109 10.31 -0.97 2.19
C VAL D 109 10.30 -2.16 3.16
N THR D 110 11.04 -2.03 4.26
CA THR D 110 11.10 -3.05 5.35
C THR D 110 10.51 -2.41 6.62
N VAL D 111 10.50 -3.14 7.74
CA VAL D 111 9.95 -2.63 9.04
C VAL D 111 11.00 -1.75 9.71
N ASP D 112 12.27 -2.14 9.67
CA ASP D 112 13.40 -1.30 10.15
C ASP D 112 13.94 -0.49 8.98
N GLY D 113 14.13 0.81 9.18
CA GLY D 113 15.05 1.63 8.37
C GLY D 113 16.48 1.26 8.72
N PRO D 114 17.41 1.24 7.75
CA PRO D 114 18.69 0.56 7.94
C PRO D 114 19.46 1.09 9.16
N ARG D 115 19.27 0.44 10.31
CA ARG D 115 20.10 0.64 11.53
C ARG D 115 21.51 0.12 11.25
N GLU D 116 22.50 0.65 11.98
CA GLU D 116 23.85 0.02 12.10
C GLU D 116 23.68 -1.36 12.73
N PRO D 117 23.91 -2.45 11.97
CA PRO D 117 23.48 -3.79 12.40
C PRO D 117 24.19 -4.32 13.66
N PRO E 16 8.13 16.85 -25.44
CA PRO E 16 7.57 15.81 -26.32
C PRO E 16 6.78 14.77 -25.52
N ARG E 17 5.53 14.49 -25.94
CA ARG E 17 4.59 13.55 -25.27
C ARG E 17 5.04 12.10 -25.52
N VAL E 18 5.74 11.84 -26.63
CA VAL E 18 6.16 10.48 -27.08
C VAL E 18 7.63 10.52 -27.52
N VAL E 19 8.25 9.33 -27.66
CA VAL E 19 9.65 9.16 -28.14
C VAL E 19 9.64 9.10 -29.66
N PRO E 20 10.71 9.54 -30.35
CA PRO E 20 10.77 9.54 -31.82
C PRO E 20 10.54 8.16 -32.42
N ASP E 21 11.26 7.15 -31.91
CA ASP E 21 11.21 5.73 -32.38
C ASP E 21 10.19 4.97 -31.52
N GLN E 22 8.92 5.38 -31.62
CA GLN E 22 7.79 4.90 -30.76
C GLN E 22 7.59 3.39 -30.96
N ARG E 23 7.62 2.94 -32.21
CA ARG E 23 7.49 1.50 -32.58
C ARG E 23 8.68 0.73 -32.04
N SER E 24 9.90 1.23 -32.27
CA SER E 24 11.19 0.59 -31.90
C SER E 24 11.21 0.27 -30.40
N LYS E 25 10.93 1.27 -29.55
CA LYS E 25 10.98 1.13 -28.07
C LYS E 25 10.09 -0.05 -27.63
N PHE E 26 8.85 -0.11 -28.11
CA PHE E 26 7.86 -1.18 -27.76
C PHE E 26 8.42 -2.56 -28.12
N GLU E 27 9.12 -2.65 -29.25
CA GLU E 27 9.62 -3.93 -29.84
C GLU E 27 11.10 -4.14 -29.50
N ASN E 28 11.64 -3.37 -28.56
CA ASN E 28 13.06 -3.45 -28.10
C ASN E 28 13.14 -3.50 -26.57
N GLU E 29 12.33 -2.69 -25.86
CA GLU E 29 12.37 -2.55 -24.39
C GLU E 29 11.86 -3.84 -23.74
N GLU E 30 12.67 -4.45 -22.86
CA GLU E 30 12.31 -5.61 -22.01
C GLU E 30 10.99 -5.31 -21.29
N PHE E 31 10.84 -4.07 -20.80
CA PHE E 31 9.66 -3.57 -20.05
C PHE E 31 8.37 -3.87 -20.83
N PHE E 32 8.32 -3.55 -22.13
CA PHE E 32 7.10 -3.62 -22.97
C PHE E 32 6.83 -5.06 -23.43
N ARG E 33 7.85 -5.74 -23.95
CA ARG E 33 7.75 -7.15 -24.46
C ARG E 33 7.42 -8.12 -23.31
N LYS E 34 7.81 -7.78 -22.07
CA LYS E 34 7.47 -8.55 -20.84
C LYS E 34 5.96 -8.44 -20.57
N LEU E 35 5.30 -7.45 -21.18
CA LEU E 35 3.84 -7.16 -21.03
C LEU E 35 3.11 -7.27 -22.36
N SER E 36 3.78 -7.74 -23.42
CA SER E 36 3.19 -7.96 -24.78
C SER E 36 2.39 -9.26 -24.78
N ARG E 37 2.77 -10.24 -23.95
CA ARG E 37 2.09 -11.56 -23.80
C ARG E 37 0.94 -11.40 -22.79
N GLU E 38 -0.08 -12.27 -22.89
CA GLU E 38 -1.20 -12.34 -21.91
C GLU E 38 -0.63 -12.74 -20.54
N CYS E 39 -0.64 -11.81 -19.58
CA CYS E 39 -0.05 -11.96 -18.22
C CYS E 39 -1.15 -12.06 -17.17
N GLU E 40 -0.78 -12.40 -15.93
CA GLU E 40 -1.68 -12.48 -14.76
C GLU E 40 -1.84 -11.08 -14.16
N ILE E 41 -3.06 -10.54 -14.17
CA ILE E 41 -3.43 -9.20 -13.64
C ILE E 41 -4.43 -9.38 -12.49
N LYS E 42 -4.58 -8.35 -11.65
CA LYS E 42 -5.56 -8.32 -10.53
C LYS E 42 -5.93 -6.87 -10.16
N TYR E 43 -7.13 -6.68 -9.62
CA TYR E 43 -7.67 -5.39 -9.13
C TYR E 43 -6.96 -5.00 -7.83
N THR E 44 -6.37 -3.80 -7.79
CA THR E 44 -5.49 -3.29 -6.71
C THR E 44 -6.22 -2.27 -5.84
N GLY E 45 -7.44 -1.88 -6.22
CA GLY E 45 -8.22 -0.83 -5.53
C GLY E 45 -8.80 -1.33 -4.22
N PHE E 46 -8.61 -0.55 -3.14
CA PHE E 46 -9.24 -0.75 -1.81
C PHE E 46 -8.85 -2.12 -1.26
N ARG E 47 -7.55 -2.34 -1.05
CA ARG E 47 -6.96 -3.63 -0.59
C ARG E 47 -7.36 -3.94 0.86
N ASP E 48 -7.71 -2.91 1.64
CA ASP E 48 -8.02 -3.02 3.10
C ASP E 48 -9.54 -3.14 3.32
N ARG E 49 -10.29 -3.57 2.30
CA ARG E 49 -11.78 -3.60 2.32
C ARG E 49 -12.27 -5.03 2.13
N PRO E 50 -13.46 -5.40 2.67
CA PRO E 50 -14.01 -6.75 2.52
C PRO E 50 -14.29 -7.10 1.05
N HIS E 51 -14.16 -8.38 0.71
CA HIS E 51 -14.27 -8.91 -0.68
C HIS E 51 -15.56 -8.43 -1.35
N GLU E 52 -16.63 -8.24 -0.57
CA GLU E 52 -17.97 -7.80 -1.05
C GLU E 52 -17.89 -6.36 -1.56
N GLU E 53 -17.32 -5.44 -0.77
CA GLU E 53 -17.21 -3.99 -1.11
C GLU E 53 -16.32 -3.82 -2.34
N ARG E 54 -15.18 -4.51 -2.38
CA ARG E 54 -14.19 -4.48 -3.49
C ARG E 54 -14.86 -4.88 -4.80
N GLN E 55 -15.79 -5.84 -4.76
CA GLN E 55 -16.53 -6.37 -5.93
C GLN E 55 -17.43 -5.27 -6.52
N ALA E 56 -18.18 -4.56 -5.67
CA ALA E 56 -19.11 -3.47 -6.07
C ALA E 56 -18.32 -2.28 -6.62
N ARG E 57 -17.36 -1.79 -5.84
CA ARG E 57 -16.49 -0.62 -6.18
C ARG E 57 -15.87 -0.81 -7.57
N PHE E 58 -15.29 -1.98 -7.82
CA PHE E 58 -14.60 -2.33 -9.10
C PHE E 58 -15.59 -2.27 -10.26
N GLN E 59 -16.80 -2.82 -10.08
CA GLN E 59 -17.85 -2.92 -11.13
C GLN E 59 -18.41 -1.52 -11.44
N ASN E 60 -18.82 -0.78 -10.41
CA ASN E 60 -19.37 0.61 -10.54
C ASN E 60 -18.34 1.52 -11.21
N ALA E 61 -17.05 1.29 -10.94
CA ALA E 61 -15.91 2.06 -11.50
C ALA E 61 -15.72 1.72 -12.99
N CYS E 62 -15.74 0.43 -13.34
CA CYS E 62 -15.66 -0.08 -14.74
C CYS E 62 -16.77 0.57 -15.59
N ARG E 63 -17.98 0.66 -15.05
CA ARG E 63 -19.18 1.28 -15.68
C ARG E 63 -18.91 2.78 -15.91
N ASP E 64 -18.24 3.44 -14.96
CA ASP E 64 -17.82 4.87 -15.04
C ASP E 64 -16.72 5.00 -16.11
N GLY E 65 -15.95 3.93 -16.35
CA GLY E 65 -14.91 3.86 -17.38
C GLY E 65 -13.52 4.09 -16.80
N ARG E 66 -13.24 3.54 -15.61
CA ARG E 66 -11.94 3.66 -14.90
C ARG E 66 -11.76 2.51 -13.90
N SER E 67 -10.51 2.20 -13.54
CA SER E 67 -10.14 1.14 -12.56
C SER E 67 -8.64 1.21 -12.23
N GLU E 68 -8.14 0.26 -11.44
CA GLU E 68 -6.70 0.13 -11.06
C GLU E 68 -6.28 -1.34 -11.13
N ILE E 69 -5.66 -1.75 -12.22
CA ILE E 69 -5.21 -3.15 -12.46
C ILE E 69 -3.68 -3.15 -12.58
N ALA E 70 -3.05 -4.24 -12.14
CA ALA E 70 -1.56 -4.38 -12.05
C ALA E 70 -1.16 -5.82 -12.41
N PHE E 71 -0.14 -5.96 -13.26
CA PHE E 71 0.44 -7.26 -13.71
C PHE E 71 1.18 -7.89 -12.53
N VAL E 72 0.50 -8.77 -11.80
CA VAL E 72 0.99 -9.39 -10.52
C VAL E 72 2.44 -9.87 -10.69
N ALA E 73 2.70 -10.60 -11.78
CA ALA E 73 4.00 -11.27 -12.09
C ALA E 73 5.14 -10.25 -12.04
N THR E 74 5.06 -9.21 -12.87
CA THR E 74 6.14 -8.19 -13.07
C THR E 74 6.12 -7.19 -11.90
N GLY E 75 4.94 -6.85 -11.37
CA GLY E 75 4.74 -5.88 -10.29
C GLY E 75 4.09 -4.60 -10.78
N THR E 76 4.10 -4.38 -12.11
CA THR E 76 3.69 -3.12 -12.79
C THR E 76 2.21 -2.83 -12.52
N ASN E 77 1.93 -1.72 -11.84
CA ASN E 77 0.55 -1.23 -11.54
C ASN E 77 0.16 -0.22 -12.62
N LEU E 78 -1.15 -0.02 -12.81
CA LEU E 78 -1.71 1.00 -13.75
C LEU E 78 -3.07 1.48 -13.22
N SER E 79 -3.35 2.78 -13.41
CA SER E 79 -4.71 3.38 -13.32
C SER E 79 -5.22 3.58 -14.75
N LEU E 80 -6.33 2.93 -15.10
CA LEU E 80 -6.84 2.86 -16.50
C LEU E 80 -8.04 3.82 -16.67
N GLN E 81 -8.28 4.27 -17.90
CA GLN E 81 -9.46 5.08 -18.31
C GLN E 81 -9.96 4.59 -19.67
N PHE E 82 -11.13 3.92 -19.69
CA PHE E 82 -11.71 3.22 -20.86
C PHE E 82 -12.53 4.23 -21.68
N PHE E 83 -11.85 5.04 -22.51
CA PHE E 83 -12.42 6.24 -23.18
C PHE E 83 -11.45 6.77 -24.25
N PRO E 84 -11.71 7.95 -24.88
CA PRO E 84 -10.81 8.51 -25.89
C PRO E 84 -9.61 9.25 -25.26
N PRO E 95 -18.93 6.09 -19.77
CA PRO E 95 -19.59 5.01 -20.53
C PRO E 95 -19.02 4.84 -21.95
N SER E 96 -18.84 3.58 -22.38
CA SER E 96 -18.35 3.19 -23.72
C SER E 96 -18.96 1.84 -24.11
N ARG E 97 -18.42 1.17 -25.14
CA ARG E 97 -18.93 -0.12 -25.69
C ARG E 97 -17.77 -1.10 -25.87
N GLU E 98 -16.81 -0.75 -26.74
CA GLU E 98 -15.66 -1.61 -27.13
C GLU E 98 -14.56 -1.54 -26.06
N TYR E 99 -14.66 -0.59 -25.13
CA TYR E 99 -13.65 -0.33 -24.06
C TYR E 99 -14.02 -1.06 -22.76
N VAL E 100 -15.31 -1.21 -22.47
CA VAL E 100 -15.83 -1.91 -21.26
C VAL E 100 -17.10 -2.69 -21.64
N ASP E 101 -16.96 -3.97 -21.99
CA ASP E 101 -18.07 -4.89 -22.37
C ASP E 101 -18.22 -5.96 -21.27
N LEU E 102 -19.44 -6.13 -20.76
CA LEU E 102 -19.79 -7.09 -19.67
C LEU E 102 -20.68 -8.21 -20.24
N GLU E 103 -20.64 -8.42 -21.57
CA GLU E 103 -21.52 -9.37 -22.30
C GLU E 103 -20.70 -10.50 -22.96
N ARG E 104 -19.48 -10.20 -23.44
CA ARG E 104 -18.60 -11.17 -24.14
C ARG E 104 -18.50 -12.47 -23.32
N GLU E 105 -18.59 -12.38 -21.99
CA GLU E 105 -18.61 -13.56 -21.08
C GLU E 105 -19.26 -13.20 -19.74
N ALA E 106 -19.98 -14.15 -19.14
CA ALA E 106 -20.67 -14.03 -17.83
C ALA E 106 -19.63 -14.14 -16.70
N GLY E 107 -19.82 -13.34 -15.64
CA GLY E 107 -18.96 -13.34 -14.44
C GLY E 107 -17.61 -12.72 -14.69
N LYS E 108 -17.50 -11.84 -15.69
CA LYS E 108 -16.25 -11.08 -16.00
C LYS E 108 -16.52 -9.98 -17.04
N VAL E 109 -15.55 -9.08 -17.24
CA VAL E 109 -15.64 -7.88 -18.12
C VAL E 109 -14.32 -7.73 -18.89
N TYR E 110 -14.38 -7.27 -20.14
CA TYR E 110 -13.22 -7.06 -21.04
C TYR E 110 -12.95 -5.55 -21.18
N MET E 115 -3.46 4.52 -23.69
CA MET E 115 -2.68 5.52 -22.90
C MET E 115 -1.32 5.75 -23.56
N ILE E 116 -0.49 6.61 -22.97
CA ILE E 116 0.93 6.85 -23.37
C ILE E 116 1.84 6.39 -22.24
N LEU E 117 2.34 5.15 -22.33
CA LEU E 117 3.25 4.54 -21.32
C LEU E 117 4.69 4.78 -21.78
N ASN E 118 5.46 5.56 -21.00
CA ASN E 118 6.91 5.80 -21.23
C ASN E 118 7.11 6.34 -22.66
N GLY E 119 6.27 7.28 -23.09
CA GLY E 119 6.32 7.94 -24.42
C GLY E 119 6.04 6.96 -25.55
N VAL E 120 5.19 5.95 -25.30
CA VAL E 120 4.75 4.94 -26.30
C VAL E 120 3.23 4.79 -26.23
N CYS E 121 2.52 5.24 -27.26
CA CYS E 121 1.06 5.05 -27.46
C CYS E 121 0.75 3.54 -27.49
N VAL E 122 0.01 3.06 -26.49
CA VAL E 122 -0.31 1.61 -26.28
C VAL E 122 -1.76 1.48 -25.82
N ILE E 123 -2.35 0.29 -25.97
CA ILE E 123 -3.73 -0.04 -25.53
C ILE E 123 -3.66 -1.22 -24.54
N TRP E 127 -9.27 -9.00 -19.26
CA TRP E 127 -10.54 -9.36 -18.56
C TRP E 127 -10.28 -9.59 -17.07
N ILE E 128 -11.28 -9.30 -16.23
CA ILE E 128 -11.26 -9.53 -14.75
C ILE E 128 -12.54 -10.26 -14.33
N ASP E 129 -12.42 -11.30 -13.51
CA ASP E 129 -13.55 -12.05 -12.92
C ASP E 129 -14.30 -11.12 -11.94
N LEU E 130 -15.60 -10.90 -12.17
CA LEU E 130 -16.45 -9.98 -11.38
C LEU E 130 -16.61 -10.48 -9.94
N GLN E 131 -16.20 -11.73 -9.66
CA GLN E 131 -16.22 -12.32 -8.29
C GLN E 131 -14.80 -12.30 -7.70
N ARG E 132 -13.83 -12.88 -8.40
CA ARG E 132 -12.44 -13.08 -7.91
C ARG E 132 -11.66 -11.76 -7.93
N LEU E 133 -12.07 -10.81 -8.78
CA LEU E 133 -11.39 -9.50 -8.99
C LEU E 133 -9.96 -9.73 -9.51
N ASP E 134 -9.77 -10.78 -10.31
CA ASP E 134 -8.49 -11.13 -10.97
C ASP E 134 -8.77 -11.66 -12.38
N GLY E 135 -7.73 -11.82 -13.20
CA GLY E 135 -7.85 -12.37 -14.56
C GLY E 135 -6.56 -12.21 -15.36
N MET E 136 -6.69 -11.91 -16.65
CA MET E 136 -5.57 -11.85 -17.64
C MET E 136 -5.70 -10.60 -18.51
N GLY E 137 -4.57 -10.06 -18.97
CA GLY E 137 -4.49 -8.87 -19.85
C GLY E 137 -3.09 -8.70 -20.42
N CYS E 138 -2.87 -7.66 -21.23
CA CYS E 138 -1.57 -7.35 -21.88
C CYS E 138 -1.60 -5.95 -22.51
N LEU E 139 -0.44 -5.53 -23.04
CA LEU E 139 -0.27 -4.26 -23.80
C LEU E 139 -0.25 -4.56 -25.30
N GLU E 140 -0.71 -3.61 -26.11
CA GLU E 140 -0.68 -3.67 -27.60
C GLU E 140 -0.32 -2.28 -28.15
N PHE E 141 0.76 -2.20 -28.93
CA PHE E 141 1.24 -0.95 -29.58
C PHE E 141 0.09 -0.32 -30.38
N ASP E 142 -0.13 0.98 -30.19
CA ASP E 142 -1.21 1.77 -30.85
C ASP E 142 -0.60 2.50 -32.05
N GLU E 143 -0.61 1.86 -33.23
CA GLU E 143 -0.11 2.41 -34.52
C GLU E 143 -0.85 3.71 -34.85
N GLU E 144 -2.17 3.71 -34.67
CA GLU E 144 -3.10 4.84 -34.97
C GLU E 144 -2.62 6.12 -34.29
N ARG E 145 -2.61 6.13 -32.96
CA ARG E 145 -2.25 7.31 -32.12
C ARG E 145 -0.75 7.62 -32.25
N ALA E 146 0.10 6.58 -32.36
CA ALA E 146 1.56 6.71 -32.56
C ALA E 146 1.86 7.63 -33.75
N GLN E 147 1.02 7.58 -34.78
CA GLN E 147 1.09 8.46 -35.99
C GLN E 147 0.54 9.86 -35.64
N GLN E 148 -0.68 9.92 -35.08
CA GLN E 148 -1.38 11.17 -34.70
C GLN E 148 -0.46 12.01 -33.79
N GLU E 149 0.15 11.36 -32.80
CA GLU E 149 1.01 11.99 -31.76
C GLU E 149 2.35 12.42 -32.39
N ASP E 150 2.96 11.52 -33.17
CA ASP E 150 4.25 11.78 -33.88
C ASP E 150 4.07 12.96 -34.84
N ALA E 151 2.87 13.09 -35.43
CA ALA E 151 2.49 14.17 -36.39
C ALA E 151 2.47 15.54 -35.68
N LEU E 152 2.25 15.56 -34.37
CA LEU E 152 2.23 16.81 -33.54
C LEU E 152 3.67 17.24 -33.23
N ALA E 153 4.59 17.13 -34.21
CA ALA E 153 6.02 17.50 -34.08
C ALA E 153 6.62 17.68 -35.48
#